data_6V1E
#
_entry.id   6V1E
#
_cell.length_a   71.730
_cell.length_b   108.490
_cell.length_c   36.120
_cell.angle_alpha   90.000
_cell.angle_beta   90.000
_cell.angle_gamma   90.000
#
_symmetry.space_group_name_H-M   'C 2 2 21'
#
loop_
_entity.id
_entity.type
_entity.pdbx_description
1 polymer 'Bromodomain-containing protein 7'
2 non-polymer 4-[4-[(dimethylamino)methyl]-3,5-dimethoxy-phenyl]-2-methyl-2,7-naphthyridin-1-one
3 non-polymer 1,2-ETHANEDIOL
4 water water
#
_entity_poly.entity_id   1
_entity_poly.type   'polypeptide(L)'
_entity_poly.pdbx_seq_one_letter_code
;GAASEEVEQTPLQEALNQLMRQLQRKDPSAFFSFPVTDFIAPGYSMIIKHPMDFSTMKEKIKNNDYQSIEELKDNFKLMC
TNAMIYNKPETIYYKAAKKLLHSGMKILSQERIQSLKQSIDFMADL
;
_entity_poly.pdbx_strand_id   A
#
# COMPACT_ATOMS: atom_id res chain seq x y z
N GLU A 8 -7.64 18.92 8.51
CA GLU A 8 -6.33 19.55 8.35
C GLU A 8 -5.24 18.49 8.19
N GLN A 9 -4.76 18.34 6.95
CA GLN A 9 -3.73 17.35 6.64
C GLN A 9 -2.47 18.04 6.14
N THR A 10 -1.34 17.41 6.41
CA THR A 10 -0.07 17.88 5.89
C THR A 10 0.05 17.54 4.41
N PRO A 11 0.93 18.23 3.68
CA PRO A 11 1.16 17.85 2.28
C PRO A 11 1.60 16.40 2.13
N LEU A 12 2.32 15.86 3.10
CA LEU A 12 2.72 14.46 3.03
C LEU A 12 1.50 13.55 3.12
N GLN A 13 0.62 13.79 4.09
CA GLN A 13 -0.58 12.97 4.23
C GLN A 13 -1.42 12.98 2.97
N GLU A 14 -1.60 14.16 2.37
CA GLU A 14 -2.43 14.25 1.17
C GLU A 14 -1.78 13.56 -0.02
N ALA A 15 -0.44 13.62 -0.12
CA ALA A 15 0.23 12.88 -1.19
C ALA A 15 0.08 11.39 -0.99
N LEU A 16 0.14 10.92 0.26
CA LEU A 16 -0.02 9.49 0.53
C LEU A 16 -1.42 9.01 0.18
N ASN A 17 -2.44 9.84 0.39
CA ASN A 17 -3.80 9.45 0.08
C ASN A 17 -4.04 9.40 -1.43
N GLN A 18 -3.43 10.33 -2.17
CA GLN A 18 -3.55 10.30 -3.63
C GLN A 18 -2.89 9.06 -4.20
N LEU A 19 -1.70 8.71 -3.71
CA LEU A 19 -1.06 7.45 -4.12
C LEU A 19 -1.91 6.26 -3.70
N MET A 20 -2.47 6.31 -2.49
CA MET A 20 -3.35 5.25 -2.01
C MET A 20 -4.51 5.01 -2.97
N ARG A 21 -5.21 6.09 -3.35
CA ARG A 21 -6.36 5.95 -4.23
C ARG A 21 -5.94 5.42 -5.60
N GLN A 22 -4.76 5.81 -6.07
CA GLN A 22 -4.26 5.27 -7.34
C GLN A 22 -3.90 3.79 -7.20
N LEU A 23 -3.42 3.37 -6.03
CA LEU A 23 -3.12 1.95 -5.84
C LEU A 23 -4.39 1.13 -5.77
N GLN A 24 -5.44 1.66 -5.14
CA GLN A 24 -6.70 0.93 -5.01
C GLN A 24 -7.43 0.79 -6.34
N ARG A 25 -7.15 1.67 -7.31
CA ARG A 25 -7.76 1.51 -8.62
C ARG A 25 -7.16 0.35 -9.40
N LYS A 26 -5.99 -0.13 -9.00
CA LYS A 26 -5.41 -1.32 -9.59
C LYS A 26 -5.94 -2.60 -8.94
N ASP A 27 -6.84 -2.49 -7.96
CA ASP A 27 -7.49 -3.63 -7.32
C ASP A 27 -8.99 -3.44 -7.40
N PRO A 28 -9.57 -3.52 -8.60
CA PRO A 28 -11.02 -3.30 -8.74
C PRO A 28 -11.86 -4.37 -8.07
N SER A 29 -11.28 -5.52 -7.72
CA SER A 29 -12.00 -6.58 -7.05
C SER A 29 -12.04 -6.42 -5.55
N ALA A 30 -11.40 -5.37 -5.00
CA ALA A 30 -11.35 -5.10 -3.57
C ALA A 30 -10.71 -6.23 -2.78
N PHE A 31 -9.86 -7.04 -3.43
CA PHE A 31 -9.20 -8.14 -2.74
C PHE A 31 -8.35 -7.65 -1.58
N PHE A 32 -7.77 -6.46 -1.70
CA PHE A 32 -6.79 -5.96 -0.74
C PHE A 32 -7.29 -4.75 0.03
N SER A 33 -8.61 -4.49 0.00
CA SER A 33 -9.17 -3.33 0.67
C SER A 33 -9.26 -3.51 2.18
N PHE A 34 -9.39 -4.75 2.66
CA PHE A 34 -9.67 -5.00 4.06
C PHE A 34 -8.83 -6.19 4.54
N PRO A 35 -8.62 -6.29 5.85
CA PRO A 35 -7.73 -7.35 6.36
C PRO A 35 -8.29 -8.74 6.09
N VAL A 36 -7.37 -9.68 5.88
CA VAL A 36 -7.72 -11.09 5.71
C VAL A 36 -7.86 -11.71 7.09
N THR A 37 -9.01 -12.32 7.35
CA THR A 37 -9.29 -12.93 8.65
C THR A 37 -9.03 -14.43 8.59
N ASP A 38 -8.83 -15.02 9.78
CA ASP A 38 -8.69 -16.47 9.88
C ASP A 38 -9.98 -17.16 9.44
N PHE A 39 -11.12 -16.51 9.62
CA PHE A 39 -12.39 -17.10 9.22
C PHE A 39 -12.43 -17.39 7.73
N ILE A 40 -12.06 -16.39 6.91
CA ILE A 40 -12.04 -16.59 5.46
C ILE A 40 -10.75 -17.25 4.97
N ALA A 41 -9.71 -17.29 5.79
CA ALA A 41 -8.44 -17.88 5.41
C ALA A 41 -7.81 -18.56 6.61
N PRO A 42 -8.14 -19.83 6.84
CA PRO A 42 -7.66 -20.51 8.06
C PRO A 42 -6.14 -20.54 8.14
N GLY A 43 -5.64 -20.38 9.36
CA GLY A 43 -4.21 -20.33 9.61
C GLY A 43 -3.50 -19.09 9.12
N TYR A 44 -4.23 -18.06 8.69
CA TYR A 44 -3.56 -16.88 8.16
C TYR A 44 -2.72 -16.18 9.23
N SER A 45 -3.28 -16.02 10.43
CA SER A 45 -2.53 -15.40 11.51
C SER A 45 -1.31 -16.21 11.93
N MET A 46 -1.29 -17.51 11.66
CA MET A 46 -0.15 -18.34 12.02
C MET A 46 0.87 -18.46 10.89
N ILE A 47 0.56 -17.95 9.69
CA ILE A 47 1.44 -18.05 8.54
C ILE A 47 2.02 -16.68 8.17
N ILE A 48 1.21 -15.63 8.23
CA ILE A 48 1.62 -14.28 7.90
C ILE A 48 1.87 -13.53 9.20
N LYS A 49 3.14 -13.21 9.49
CA LYS A 49 3.48 -12.59 10.76
C LYS A 49 3.21 -11.09 10.77
N HIS A 50 3.09 -10.45 9.61
CA HIS A 50 2.85 -9.02 9.52
C HIS A 50 1.79 -8.74 8.47
N PRO A 51 0.52 -8.93 8.81
CA PRO A 51 -0.55 -8.68 7.84
C PRO A 51 -0.67 -7.21 7.50
N MET A 52 -1.14 -6.95 6.28
CA MET A 52 -1.25 -5.58 5.79
C MET A 52 -2.35 -5.53 4.73
N ASP A 53 -3.03 -4.39 4.67
CA ASP A 53 -4.12 -4.19 3.73
C ASP A 53 -4.33 -2.69 3.54
N PHE A 54 -5.13 -2.34 2.53
CA PHE A 54 -5.33 -0.94 2.19
C PHE A 54 -6.01 -0.17 3.33
N SER A 55 -6.89 -0.83 4.09
CA SER A 55 -7.59 -0.13 5.17
C SER A 55 -6.62 0.27 6.28
N THR A 56 -5.70 -0.63 6.65
CA THR A 56 -4.73 -0.30 7.67
C THR A 56 -3.80 0.83 7.21
N MET A 57 -3.40 0.78 5.94
CA MET A 57 -2.55 1.84 5.40
C MET A 57 -3.26 3.18 5.41
N LYS A 58 -4.55 3.21 5.04
CA LYS A 58 -5.31 4.45 5.12
C LYS A 58 -5.41 4.94 6.57
N GLU A 59 -5.59 4.00 7.51
CA GLU A 59 -5.62 4.38 8.92
C GLU A 59 -4.27 4.94 9.36
N LYS A 60 -3.18 4.36 8.88
CA LYS A 60 -1.86 4.87 9.24
C LYS A 60 -1.63 6.26 8.64
N ILE A 61 -2.22 6.54 7.49
CA ILE A 61 -2.10 7.88 6.91
C ILE A 61 -2.87 8.90 7.75
N LYS A 62 -4.11 8.56 8.13
CA LYS A 62 -4.94 9.51 8.86
C LYS A 62 -4.40 9.78 10.26
N ASN A 63 -3.75 8.81 10.87
CA ASN A 63 -3.13 8.98 12.18
C ASN A 63 -1.72 9.55 12.09
N ASN A 64 -1.26 9.90 10.89
CA ASN A 64 0.07 10.49 10.68
C ASN A 64 1.17 9.54 11.15
N ASP A 65 0.93 8.24 11.04
CA ASP A 65 1.96 7.26 11.36
C ASP A 65 3.02 7.15 10.29
N TYR A 66 2.70 7.46 9.04
CA TYR A 66 3.66 7.37 7.96
C TYR A 66 4.57 8.57 7.96
N GLN A 67 5.85 8.34 7.69
CA GLN A 67 6.93 9.31 7.73
C GLN A 67 7.38 9.72 6.33
N SER A 68 7.54 8.73 5.48
CA SER A 68 7.99 8.93 4.12
C SER A 68 7.06 8.14 3.23
N ILE A 69 7.09 8.48 1.94
CA ILE A 69 6.41 7.67 0.95
C ILE A 69 7.02 6.28 0.90
N GLU A 70 8.32 6.17 1.19
CA GLU A 70 8.99 4.87 1.16
C GLU A 70 8.40 3.92 2.19
N GLU A 71 7.99 4.44 3.36
CA GLU A 71 7.37 3.60 4.37
C GLU A 71 6.03 3.06 3.88
N LEU A 72 5.23 3.90 3.24
CA LEU A 72 4.00 3.43 2.63
C LEU A 72 4.28 2.40 1.55
N LYS A 73 5.34 2.63 0.77
CA LYS A 73 5.71 1.69 -0.28
C LYS A 73 6.17 0.36 0.31
N ASP A 74 6.86 0.39 1.45
CA ASP A 74 7.25 -0.85 2.12
C ASP A 74 6.03 -1.65 2.55
N ASN A 75 5.03 -0.97 3.11
CA ASN A 75 3.80 -1.65 3.51
C ASN A 75 3.07 -2.20 2.29
N PHE A 76 3.07 -1.46 1.19
CA PHE A 76 2.42 -1.94 -0.03
C PHE A 76 3.10 -3.20 -0.55
N LYS A 77 4.44 -3.23 -0.53
CA LYS A 77 5.15 -4.45 -0.91
C LYS A 77 4.80 -5.61 0.02
N LEU A 78 4.77 -5.34 1.33
CA LEU A 78 4.41 -6.35 2.30
C LEU A 78 3.01 -6.90 2.03
N MET A 79 2.07 -6.02 1.67
CA MET A 79 0.71 -6.45 1.40
C MET A 79 0.65 -7.46 0.26
N CYS A 80 1.37 -7.18 -0.83
CA CYS A 80 1.32 -8.09 -1.97
C CYS A 80 2.10 -9.38 -1.70
N THR A 81 3.25 -9.28 -1.04
CA THR A 81 4.05 -10.47 -0.79
C THR A 81 3.38 -11.41 0.21
N ASN A 82 2.60 -10.86 1.14
CA ASN A 82 1.83 -11.70 2.06
C ASN A 82 0.89 -12.63 1.29
N ALA A 83 0.19 -12.09 0.30
CA ALA A 83 -0.74 -12.91 -0.48
C ALA A 83 0.00 -13.94 -1.33
N MET A 84 1.25 -13.66 -1.70
CA MET A 84 2.04 -14.59 -2.48
C MET A 84 2.68 -15.69 -1.63
N ILE A 85 2.64 -15.58 -0.31
CA ILE A 85 3.12 -16.62 0.60
C ILE A 85 1.98 -17.53 1.05
N TYR A 86 0.84 -16.94 1.43
CA TYR A 86 -0.28 -17.75 1.91
C TYR A 86 -0.97 -18.48 0.77
N ASN A 87 -1.12 -17.84 -0.39
CA ASN A 87 -1.80 -18.42 -1.54
C ASN A 87 -0.78 -19.01 -2.51
N LYS A 88 -1.14 -20.12 -3.14
CA LYS A 88 -0.27 -20.81 -4.08
C LYS A 88 -0.36 -20.20 -5.47
N PRO A 89 0.67 -20.39 -6.30
CA PRO A 89 0.78 -19.63 -7.56
C PRO A 89 -0.39 -19.74 -8.54
N GLU A 90 -1.16 -20.84 -8.54
CA GLU A 90 -2.32 -20.84 -9.44
C GLU A 90 -3.44 -19.94 -8.95
N THR A 91 -3.58 -19.77 -7.65
CA THR A 91 -4.76 -19.10 -7.09
C THR A 91 -4.95 -17.71 -7.69
N ILE A 92 -6.21 -17.27 -7.74
CA ILE A 92 -6.50 -15.95 -8.26
C ILE A 92 -5.95 -14.87 -7.31
N TYR A 93 -5.82 -15.20 -6.02
CA TYR A 93 -5.24 -14.25 -5.07
C TYR A 93 -3.75 -14.06 -5.31
N TYR A 94 -3.03 -15.15 -5.58
CA TYR A 94 -1.61 -15.04 -5.90
C TYR A 94 -1.40 -14.23 -7.17
N LYS A 95 -2.14 -14.56 -8.23
CA LYS A 95 -1.95 -13.88 -9.50
C LYS A 95 -2.35 -12.41 -9.42
N ALA A 96 -3.42 -12.10 -8.69
CA ALA A 96 -3.82 -10.70 -8.53
C ALA A 96 -2.79 -9.94 -7.70
N ALA A 97 -2.19 -10.58 -6.71
CA ALA A 97 -1.17 -9.93 -5.91
C ALA A 97 0.09 -9.66 -6.74
N LYS A 98 0.48 -10.61 -7.58
CA LYS A 98 1.64 -10.43 -8.44
C LYS A 98 1.43 -9.27 -9.41
N LYS A 99 0.23 -9.18 -9.99
CA LYS A 99 -0.07 -8.10 -10.91
C LYS A 99 -0.18 -6.77 -10.19
N LEU A 100 -0.81 -6.76 -9.01
CA LEU A 100 -0.93 -5.53 -8.24
C LEU A 100 0.45 -5.00 -7.83
N LEU A 101 1.35 -5.89 -7.40
CA LEU A 101 2.68 -5.47 -6.97
C LEU A 101 3.43 -4.80 -8.11
N HIS A 102 3.42 -5.42 -9.30
CA HIS A 102 4.13 -4.85 -10.44
C HIS A 102 3.55 -3.49 -10.81
N SER A 103 2.22 -3.38 -10.89
CA SER A 103 1.60 -2.10 -11.20
C SER A 103 1.92 -1.07 -10.12
N GLY A 104 1.90 -1.48 -8.85
CA GLY A 104 2.17 -0.57 -7.76
C GLY A 104 3.58 -0.04 -7.76
N MET A 105 4.56 -0.88 -8.17
CA MET A 105 5.94 -0.43 -8.20
C MET A 105 6.15 0.63 -9.27
N LYS A 106 5.38 0.59 -10.35
CA LYS A 106 5.44 1.66 -11.35
C LYS A 106 4.82 2.94 -10.82
N ILE A 107 3.71 2.82 -10.07
CA ILE A 107 3.09 3.98 -9.45
C ILE A 107 4.04 4.56 -8.40
N LEU A 108 4.49 3.72 -7.48
CA LEU A 108 5.45 4.12 -6.44
C LEU A 108 6.89 4.09 -6.93
N SER A 109 7.15 4.57 -8.15
CA SER A 109 8.51 4.60 -8.66
C SER A 109 9.31 5.73 -8.02
N GLN A 110 10.64 5.57 -8.05
CA GLN A 110 11.51 6.62 -7.53
C GLN A 110 11.32 7.93 -8.28
N GLU A 111 10.93 7.84 -9.56
CA GLU A 111 10.66 9.04 -10.34
C GLU A 111 9.51 9.83 -9.76
N ARG A 112 8.41 9.16 -9.43
CA ARG A 112 7.22 9.84 -8.94
C ARG A 112 7.36 10.22 -7.46
N ILE A 113 7.95 9.34 -6.65
CA ILE A 113 8.20 9.65 -5.25
C ILE A 113 8.98 10.95 -5.14
N GLN A 114 9.76 11.27 -6.17
CA GLN A 114 10.65 12.42 -6.13
C GLN A 114 9.92 13.72 -6.43
N SER A 115 9.08 13.73 -7.47
N SER A 115 9.09 13.73 -7.49
CA SER A 115 8.32 14.95 -7.79
CA SER A 115 8.31 14.92 -7.80
C SER A 115 7.39 15.35 -6.65
C SER A 115 7.46 15.35 -6.62
N LEU A 116 6.98 14.39 -5.83
CA LEU A 116 6.18 14.71 -4.66
C LEU A 116 7.05 15.21 -3.51
N LYS A 117 8.22 14.60 -3.32
CA LYS A 117 9.12 15.06 -2.27
C LYS A 117 9.53 16.52 -2.46
N GLN A 118 9.66 16.96 -3.71
CA GLN A 118 9.99 18.36 -3.95
C GLN A 118 8.79 19.25 -3.64
N SER A 119 7.60 18.86 -4.09
N SER A 119 7.60 18.85 -4.09
CA SER A 119 6.41 19.66 -3.83
CA SER A 119 6.41 19.64 -3.82
C SER A 119 6.10 19.69 -2.34
C SER A 119 6.09 19.69 -2.33
N ILE A 120 6.30 18.57 -1.64
CA ILE A 120 6.10 18.55 -0.19
C ILE A 120 7.09 19.49 0.49
N ASP A 121 8.36 19.44 0.09
CA ASP A 121 9.37 20.30 0.68
C ASP A 121 9.06 21.78 0.41
N PHE A 122 8.56 22.09 -0.79
CA PHE A 122 8.29 23.49 -1.14
C PHE A 122 7.09 24.05 -0.38
N MET A 123 6.34 23.22 0.34
CA MET A 123 5.23 23.69 1.16
C MET A 123 5.64 23.89 2.62
N ALA A 124 6.94 23.80 2.92
CA ALA A 124 7.46 24.03 4.26
C ALA A 124 8.43 25.21 4.23
N ASP A 125 8.71 25.76 5.42
CA ASP A 125 9.55 26.95 5.58
C ASP A 125 9.03 28.10 4.71
N LEU A 126 7.72 28.32 4.79
CA LEU A 126 7.02 29.33 4.00
C LEU A 126 7.14 29.06 2.50
#